data_8W96
#
_entry.id   8W96
#
_cell.length_a   130.900
_cell.length_b   200.450
_cell.length_c   59.380
_cell.angle_alpha   90.000
_cell.angle_beta   90.000
_cell.angle_gamma   90.000
#
_symmetry.space_group_name_H-M   'C 2 2 21'
#
loop_
_entity.id
_entity.type
_entity.pdbx_description
1 polymer 'Chitinase A'
2 branched 2-acetamido-2-deoxy-beta-D-glucopyranose-(1-4)-2-acetamido-2-deoxy-beta-D-glucopyranose
3 non-polymer GLYCEROL
4 water water
#
_entity_poly.entity_id   1
_entity_poly.type   'polypeptide(L)'
_entity_poly.pdbx_seq_one_letter_code
;MRKFNKPLLALLIGSTLCSAAQAAAPGKPTIAWGNTKFAIVEVDQAATAYNNLVKVKNAADVSVSWNLWNGDTGTTAKVL
LNGKEAWSGPSTGSSGTANFKVNKGGRYQMQVALCNADGCTASDATEIVVADTDGSHLAPLKEPLLEKNKPYKQNSGKVV
GSYFVEWGVYGRNFTVDKIPAQNLTHLLYGFIPICGGNGINDSLKEIEGSFQALQRSCQGREDFKVSIHDPFAALQKAQK
GVTAWDDPYKGNFGQLMALKQAHPDLKILPSIGGWTLSDPFFFMGDKVKRDRFVGSVKEFLQTWKFFDGVDIDWEFPGGK
GANPNLGSPQDGETYVLLMKELRAMLDQLSVETGRKYELTSAISAGKDKIDKVAYNVAQNSMDHIFLMSYDFYGAFDLKN
LGHQTALNAPAWKPDTAYTTVNGVNALLAQGVKPGKIVVGTAMYGRGWTGVNGYQNNIPFTGTATGPVKGTWENGIVDYR
QIAGQFMSGEWQYTYDATAEAPYVFKPSTGDLITFDDARSVQAKGKYVLDKQLGGLFSWEIDADNGDILNSMNASLGNSA
GVQHHHHHH
;
_entity_poly.pdbx_strand_id   A
#
loop_
_chem_comp.id
_chem_comp.type
_chem_comp.name
_chem_comp.formula
GOL non-polymer GLYCEROL 'C3 H8 O3'
NAG D-saccharide, beta linking 2-acetamido-2-deoxy-beta-D-glucopyranose 'C8 H15 N O6'
#
# COMPACT_ATOMS: atom_id res chain seq x y z
N ALA A 24 -59.46 9.88 2.54
CA ALA A 24 -58.55 8.96 3.21
C ALA A 24 -57.16 9.06 2.58
N ALA A 25 -56.13 8.84 3.40
CA ALA A 25 -54.77 8.81 2.90
C ALA A 25 -54.60 7.63 1.93
N PRO A 26 -53.56 7.66 1.08
CA PRO A 26 -53.38 6.55 0.12
C PRO A 26 -53.12 5.23 0.82
N GLY A 27 -53.32 4.14 0.06
CA GLY A 27 -52.89 2.84 0.52
C GLY A 27 -51.38 2.75 0.66
N LYS A 28 -50.92 1.72 1.36
CA LYS A 28 -49.50 1.55 1.65
C LYS A 28 -48.79 0.87 0.50
N PRO A 29 -47.80 1.52 -0.13
CA PRO A 29 -47.15 0.92 -1.28
C PRO A 29 -46.20 -0.20 -0.88
N THR A 30 -45.93 -1.07 -1.84
CA THR A 30 -44.98 -2.16 -1.71
C THR A 30 -43.80 -1.87 -2.61
N ILE A 31 -42.59 -1.87 -2.04
CA ILE A 31 -41.41 -1.64 -2.86
C ILE A 31 -41.16 -2.87 -3.71
N ALA A 32 -40.92 -2.64 -5.00
CA ALA A 32 -40.70 -3.72 -5.95
C ALA A 32 -39.35 -4.38 -5.71
N TRP A 33 -39.30 -5.71 -5.86
CA TRP A 33 -38.00 -6.38 -5.85
C TRP A 33 -37.13 -5.83 -6.97
N GLY A 34 -35.86 -5.63 -6.67
CA GLY A 34 -34.95 -5.09 -7.67
C GLY A 34 -33.59 -4.84 -7.07
N ASN A 35 -32.68 -4.40 -7.94
CA ASN A 35 -31.32 -4.09 -7.50
C ASN A 35 -31.36 -2.98 -6.44
N THR A 36 -30.59 -3.18 -5.38
CA THR A 36 -30.50 -2.18 -4.32
C THR A 36 -29.08 -1.71 -4.07
N LYS A 37 -28.14 -2.03 -4.97
CA LYS A 37 -26.73 -1.69 -4.80
C LYS A 37 -26.30 -0.80 -5.95
N PHE A 38 -25.81 0.39 -5.60
CA PHE A 38 -25.45 1.42 -6.57
C PHE A 38 -24.10 2.00 -6.17
N ALA A 39 -23.42 2.62 -7.14
CA ALA A 39 -22.05 3.08 -6.92
C ALA A 39 -21.85 4.49 -7.45
N ILE A 40 -21.10 5.29 -6.68
CA ILE A 40 -20.71 6.62 -7.15
C ILE A 40 -19.51 6.52 -8.10
N VAL A 41 -18.55 5.66 -7.79
CA VAL A 41 -17.51 5.28 -8.73
C VAL A 41 -17.87 3.90 -9.28
N GLU A 42 -18.21 3.84 -10.56
CA GLU A 42 -18.63 2.61 -11.20
C GLU A 42 -17.42 1.84 -11.70
N VAL A 43 -17.48 0.52 -11.58
CA VAL A 43 -16.47 -0.37 -12.12
C VAL A 43 -17.11 -1.16 -13.25
N ASP A 44 -16.51 -1.09 -14.42
CA ASP A 44 -16.97 -1.85 -15.58
C ASP A 44 -16.46 -3.28 -15.45
N GLN A 45 -17.38 -4.24 -15.37
CA GLN A 45 -16.99 -5.61 -15.07
C GLN A 45 -16.43 -6.35 -16.28
N ALA A 46 -16.55 -5.80 -17.49
CA ALA A 46 -15.96 -6.40 -18.69
C ALA A 46 -15.05 -5.37 -19.36
N ALA A 47 -13.95 -5.03 -18.70
CA ALA A 47 -12.98 -4.08 -19.25
C ALA A 47 -11.61 -4.37 -18.66
N THR A 48 -10.58 -4.35 -19.52
CA THR A 48 -9.22 -4.54 -19.05
C THR A 48 -8.38 -3.26 -19.11
N ALA A 49 -8.84 -2.23 -19.80
CA ALA A 49 -8.16 -0.95 -19.85
C ALA A 49 -8.61 -0.08 -18.68
N TYR A 50 -7.64 0.55 -18.00
CA TYR A 50 -7.97 1.35 -16.83
C TYR A 50 -8.95 2.46 -17.16
N ASN A 51 -8.80 3.08 -18.34
CA ASN A 51 -9.72 4.14 -18.76
C ASN A 51 -11.18 3.68 -18.76
N ASN A 52 -11.44 2.48 -19.25
CA ASN A 52 -12.81 1.97 -19.27
C ASN A 52 -13.21 1.28 -17.97
N LEU A 53 -12.22 0.86 -17.17
CA LEU A 53 -12.50 0.06 -15.98
C LEU A 53 -13.25 0.86 -14.92
N VAL A 54 -12.88 2.12 -14.71
CA VAL A 54 -13.46 2.90 -13.64
C VAL A 54 -14.07 4.16 -14.24
N LYS A 55 -15.26 4.52 -13.74
CA LYS A 55 -15.96 5.74 -14.14
C LYS A 55 -16.38 6.48 -12.89
N VAL A 56 -15.79 7.65 -12.68
CA VAL A 56 -16.11 8.50 -11.52
C VAL A 56 -17.29 9.39 -11.87
N LYS A 57 -18.32 9.37 -11.04
CA LYS A 57 -19.46 10.25 -11.23
C LYS A 57 -19.61 11.17 -10.04
N ASN A 58 -20.37 12.27 -10.25
CA ASN A 58 -20.73 13.15 -9.14
C ASN A 58 -21.63 12.46 -8.15
N ALA A 59 -22.47 11.54 -8.62
CA ALA A 59 -23.48 10.90 -7.79
C ALA A 59 -23.82 9.55 -8.40
N ALA A 60 -24.35 8.66 -7.55
CA ALA A 60 -24.84 7.39 -8.03
C ALA A 60 -26.24 7.56 -8.63
N ASP A 61 -26.49 6.86 -9.72
CA ASP A 61 -27.84 6.78 -10.29
C ASP A 61 -28.59 5.67 -9.57
N VAL A 62 -29.65 6.02 -8.86
CA VAL A 62 -30.43 5.07 -8.09
C VAL A 62 -31.81 4.94 -8.72
N SER A 63 -32.38 3.75 -8.64
CA SER A 63 -33.70 3.47 -9.19
C SER A 63 -34.50 2.66 -8.19
N VAL A 64 -35.78 3.00 -8.03
CA VAL A 64 -36.70 2.27 -7.16
C VAL A 64 -38.04 2.18 -7.89
N SER A 65 -38.74 1.05 -7.71
CA SER A 65 -40.08 0.88 -8.23
C SER A 65 -40.99 0.40 -7.09
N TRP A 66 -42.31 0.46 -7.33
CA TRP A 66 -43.26 0.13 -6.29
C TRP A 66 -44.57 -0.30 -6.93
N ASN A 67 -45.36 -1.05 -6.16
CA ASN A 67 -46.72 -1.43 -6.50
C ASN A 67 -47.64 -1.02 -5.37
N LEU A 68 -48.88 -0.68 -5.71
CA LEU A 68 -49.92 -0.49 -4.71
C LEU A 68 -50.98 -1.55 -4.94
N TRP A 69 -51.11 -2.45 -3.96
CA TRP A 69 -52.04 -3.56 -4.09
C TRP A 69 -53.41 -3.26 -3.48
N ASN A 70 -53.51 -2.28 -2.59
CA ASN A 70 -54.77 -2.01 -1.91
C ASN A 70 -54.98 -0.50 -1.83
N GLY A 71 -55.90 0.02 -2.64
CA GLY A 71 -56.48 1.32 -2.37
C GLY A 71 -56.13 2.39 -3.37
N ASP A 72 -56.23 3.63 -2.91
CA ASP A 72 -55.98 4.84 -3.70
C ASP A 72 -54.47 5.09 -3.82
N THR A 73 -54.00 5.38 -5.04
CA THR A 73 -52.55 5.53 -5.24
C THR A 73 -52.04 6.91 -4.84
N GLY A 74 -52.89 7.77 -4.30
CA GLY A 74 -52.48 9.12 -3.96
C GLY A 74 -52.26 9.98 -5.19
N THR A 75 -51.77 11.20 -4.93
CA THR A 75 -51.50 12.11 -6.02
C THR A 75 -50.03 12.45 -6.19
N THR A 76 -49.21 12.29 -5.15
CA THR A 76 -47.77 12.48 -5.24
C THR A 76 -47.06 11.27 -4.65
N ALA A 77 -46.09 10.74 -5.38
CA ALA A 77 -45.22 9.67 -4.91
C ALA A 77 -43.87 10.25 -4.56
N LYS A 78 -43.27 9.73 -3.49
CA LYS A 78 -41.98 10.22 -3.00
C LYS A 78 -41.09 9.04 -2.64
N VAL A 79 -39.79 9.21 -2.88
CA VAL A 79 -38.78 8.30 -2.36
C VAL A 79 -38.07 8.99 -1.21
N LEU A 80 -38.08 8.37 -0.05
CA LEU A 80 -37.38 8.87 1.13
C LEU A 80 -36.12 8.03 1.41
N LEU A 81 -35.04 8.71 1.78
CA LEU A 81 -33.83 8.08 2.30
C LEU A 81 -33.64 8.57 3.73
N ASN A 82 -33.75 7.66 4.69
CA ASN A 82 -33.72 8.01 6.11
C ASN A 82 -34.72 9.14 6.40
N GLY A 83 -35.91 9.04 5.83
CA GLY A 83 -36.95 10.02 6.03
C GLY A 83 -36.86 11.26 5.18
N LYS A 84 -35.80 11.43 4.41
CA LYS A 84 -35.57 12.66 3.66
C LYS A 84 -35.81 12.42 2.17
N GLU A 85 -36.63 13.27 1.58
CA GLU A 85 -37.04 13.07 0.20
C GLU A 85 -35.84 13.18 -0.75
N ALA A 86 -35.68 12.17 -1.60
CA ALA A 86 -34.69 12.22 -2.67
C ALA A 86 -35.32 12.34 -4.04
N TRP A 87 -36.63 12.18 -4.14
CA TRP A 87 -37.33 12.23 -5.42
C TRP A 87 -38.82 12.43 -5.14
N SER A 88 -39.48 13.13 -6.05
CA SER A 88 -40.90 13.37 -5.94
C SER A 88 -41.49 13.45 -7.32
N GLY A 89 -42.73 12.98 -7.47
CA GLY A 89 -43.42 13.06 -8.73
C GLY A 89 -44.89 12.74 -8.61
N PRO A 90 -45.63 12.94 -9.69
CA PRO A 90 -47.07 12.62 -9.67
C PRO A 90 -47.28 11.11 -9.61
N SER A 91 -48.18 10.68 -8.75
CA SER A 91 -48.53 9.26 -8.65
C SER A 91 -49.62 8.99 -9.67
N THR A 92 -49.27 8.35 -10.79
CA THR A 92 -50.17 8.23 -11.92
C THR A 92 -50.69 6.82 -12.14
N GLY A 93 -50.25 5.84 -11.37
CA GLY A 93 -50.72 4.49 -11.60
C GLY A 93 -50.51 3.62 -10.38
N SER A 94 -50.95 2.37 -10.52
CA SER A 94 -50.79 1.39 -9.45
C SER A 94 -49.35 0.92 -9.31
N SER A 95 -48.53 1.10 -10.35
CA SER A 95 -47.10 0.87 -10.30
C SER A 95 -46.37 2.15 -10.69
N GLY A 96 -45.15 2.32 -10.18
CA GLY A 96 -44.33 3.47 -10.54
C GLY A 96 -42.85 3.16 -10.48
N THR A 97 -42.06 4.06 -11.05
CA THR A 97 -40.61 3.96 -11.06
C THR A 97 -40.01 5.35 -10.87
N ALA A 98 -38.99 5.46 -10.02
CA ALA A 98 -38.28 6.70 -9.76
C ALA A 98 -36.79 6.51 -10.02
N ASN A 99 -36.19 7.45 -10.76
CA ASN A 99 -34.75 7.48 -11.02
C ASN A 99 -34.21 8.80 -10.48
N PHE A 100 -33.18 8.72 -9.64
CA PHE A 100 -32.67 9.90 -8.96
C PHE A 100 -31.20 9.69 -8.63
N LYS A 101 -30.56 10.76 -8.17
CA LYS A 101 -29.13 10.75 -7.89
C LYS A 101 -28.89 10.83 -6.39
N VAL A 102 -27.87 10.10 -5.91
CA VAL A 102 -27.45 10.15 -4.52
C VAL A 102 -25.94 10.39 -4.49
N ASN A 103 -25.49 11.44 -3.81
CA ASN A 103 -24.11 11.88 -3.93
C ASN A 103 -23.27 11.58 -2.70
N LYS A 104 -23.79 10.80 -1.75
CA LYS A 104 -23.04 10.45 -0.57
C LYS A 104 -23.12 8.94 -0.35
N GLY A 105 -21.96 8.31 -0.18
CA GLY A 105 -21.94 6.87 0.05
C GLY A 105 -22.48 6.50 1.42
N GLY A 106 -22.98 5.28 1.51
CA GLY A 106 -23.50 4.77 2.76
C GLY A 106 -24.62 3.79 2.50
N ARG A 107 -25.24 3.36 3.59
CA ARG A 107 -26.43 2.52 3.54
C ARG A 107 -27.61 3.34 4.06
N TYR A 108 -28.71 3.30 3.33
CA TYR A 108 -29.89 4.11 3.58
C TYR A 108 -31.12 3.22 3.75
N GLN A 109 -31.97 3.58 4.71
CA GLN A 109 -33.30 2.98 4.84
C GLN A 109 -34.23 3.71 3.87
N MET A 110 -34.55 3.06 2.76
CA MET A 110 -35.33 3.69 1.70
C MET A 110 -36.80 3.30 1.84
N GLN A 111 -37.67 4.28 1.64
CA GLN A 111 -39.12 4.08 1.63
C GLN A 111 -39.73 4.81 0.44
N VAL A 112 -40.85 4.29 -0.04
CA VAL A 112 -41.71 5.00 -0.99
C VAL A 112 -42.95 5.46 -0.23
N ALA A 113 -43.30 6.73 -0.38
CA ALA A 113 -44.49 7.27 0.26
C ALA A 113 -45.45 7.78 -0.80
N LEU A 114 -46.73 7.54 -0.58
CA LEU A 114 -47.79 8.06 -1.43
C LEU A 114 -48.59 9.05 -0.61
N CYS A 115 -48.75 10.25 -1.14
CA CYS A 115 -49.37 11.35 -0.41
C CYS A 115 -50.57 11.89 -1.18
N ASN A 116 -51.61 12.26 -0.44
CA ASN A 116 -52.67 13.11 -0.95
C ASN A 116 -53.02 14.11 0.15
N ALA A 117 -54.06 14.91 -0.09
CA ALA A 117 -54.42 15.95 0.85
C ALA A 117 -54.77 15.41 2.24
N ASP A 118 -55.21 14.15 2.32
CA ASP A 118 -55.56 13.50 3.59
C ASP A 118 -54.38 12.88 4.32
N GLY A 119 -53.19 12.83 3.72
CA GLY A 119 -52.07 12.22 4.41
C GLY A 119 -51.09 11.49 3.52
N CYS A 120 -49.93 11.13 4.07
CA CYS A 120 -48.93 10.32 3.39
C CYS A 120 -48.88 8.94 4.03
N THR A 121 -48.72 7.93 3.18
CA THR A 121 -48.58 6.56 3.64
C THR A 121 -47.26 6.02 3.11
N ALA A 122 -46.39 5.56 4.01
CA ALA A 122 -45.04 5.15 3.68
C ALA A 122 -44.93 3.62 3.67
N SER A 123 -44.20 3.09 2.70
CA SER A 123 -43.88 1.67 2.68
C SER A 123 -43.00 1.28 3.87
N ASP A 124 -42.84 -0.02 4.07
CA ASP A 124 -41.76 -0.48 4.93
C ASP A 124 -40.42 -0.09 4.30
N ALA A 125 -39.39 0.01 5.13
CA ALA A 125 -38.09 0.41 4.65
C ALA A 125 -37.42 -0.74 3.91
N THR A 126 -36.69 -0.41 2.85
CA THR A 126 -35.79 -1.34 2.19
C THR A 126 -34.41 -0.69 2.18
N GLU A 127 -33.41 -1.42 2.66
CA GLU A 127 -32.07 -0.85 2.68
C GLU A 127 -31.50 -0.84 1.26
N ILE A 128 -30.87 0.28 0.90
CA ILE A 128 -30.09 0.33 -0.33
C ILE A 128 -28.66 0.70 0.04
N VAL A 129 -27.74 0.37 -0.87
CA VAL A 129 -26.32 0.58 -0.68
C VAL A 129 -25.85 1.53 -1.78
N VAL A 130 -25.26 2.65 -1.38
CA VAL A 130 -24.60 3.57 -2.30
C VAL A 130 -23.11 3.47 -2.03
N ALA A 131 -22.37 2.85 -2.94
CA ALA A 131 -20.96 2.58 -2.72
C ALA A 131 -20.12 3.79 -3.11
N ASP A 132 -19.04 4.01 -2.36
CA ASP A 132 -18.04 5.00 -2.72
C ASP A 132 -16.69 4.48 -2.28
N THR A 133 -15.63 5.03 -2.87
CA THR A 133 -14.31 4.44 -2.67
C THR A 133 -13.70 4.80 -1.32
N ASP A 134 -14.39 5.53 -0.46
CA ASP A 134 -13.97 5.63 0.93
C ASP A 134 -14.41 4.44 1.76
N GLY A 135 -15.15 3.51 1.17
CA GLY A 135 -15.65 2.38 1.94
C GLY A 135 -16.83 2.68 2.82
N SER A 136 -17.51 3.82 2.61
CA SER A 136 -18.60 4.22 3.49
C SER A 136 -19.78 3.24 3.46
N HIS A 137 -19.85 2.40 2.45
CA HIS A 137 -20.91 1.41 2.29
C HIS A 137 -20.56 0.06 2.89
N LEU A 138 -19.36 -0.08 3.43
CA LEU A 138 -18.82 -1.39 3.80
C LEU A 138 -18.76 -1.55 5.30
N ALA A 139 -19.07 -2.76 5.76
CA ALA A 139 -18.84 -3.12 7.15
C ALA A 139 -17.34 -3.16 7.43
N PRO A 140 -16.92 -2.75 8.63
CA PRO A 140 -15.49 -2.70 8.94
C PRO A 140 -14.86 -4.09 8.88
N LEU A 141 -13.63 -4.13 8.36
CA LEU A 141 -12.84 -5.36 8.32
C LEU A 141 -11.99 -5.38 9.57
N LYS A 142 -12.52 -6.02 10.61
CA LYS A 142 -11.87 -6.16 11.91
C LYS A 142 -11.54 -7.64 12.07
N GLU A 143 -10.35 -7.99 11.69
CA GLU A 143 -10.06 -9.41 11.72
C GLU A 143 -9.14 -9.77 12.88
N PRO A 144 -9.22 -10.99 13.36
CA PRO A 144 -8.32 -11.41 14.44
C PRO A 144 -6.88 -11.44 13.98
N LEU A 145 -5.98 -11.15 14.92
CA LEU A 145 -4.55 -11.31 14.67
C LEU A 145 -4.22 -12.77 14.47
N LEU A 146 -3.36 -13.05 13.49
CA LEU A 146 -2.99 -14.42 13.15
C LEU A 146 -1.54 -14.68 13.51
N GLU A 147 -1.15 -15.96 13.41
CA GLU A 147 0.20 -16.45 13.69
C GLU A 147 0.63 -15.89 15.05
N LYS A 148 1.81 -15.30 15.17
CA LYS A 148 2.34 -14.87 16.46
C LYS A 148 2.11 -13.38 16.72
N ASN A 149 1.27 -12.73 15.93
CA ASN A 149 1.05 -11.30 16.12
C ASN A 149 0.32 -11.05 17.44
N LYS A 150 0.79 -10.05 18.18
CA LYS A 150 0.19 -9.64 19.44
C LYS A 150 -0.25 -8.18 19.35
N PRO A 151 -1.35 -7.82 20.03
CA PRO A 151 -1.90 -6.47 19.86
C PRO A 151 -1.07 -5.39 20.56
N TYR A 152 -0.87 -4.28 19.85
CA TYR A 152 -0.23 -3.08 20.39
C TYR A 152 -1.11 -1.86 20.15
N LYS A 153 -1.00 -0.90 21.04
CA LYS A 153 -1.60 0.41 20.85
C LYS A 153 -0.57 1.34 20.19
N GLN A 154 -1.04 2.14 19.23
CA GLN A 154 -0.16 3.09 18.54
C GLN A 154 -0.11 4.40 19.35
N ASN A 155 0.52 4.32 20.52
CA ASN A 155 0.58 5.48 21.40
C ASN A 155 1.98 6.05 21.57
N SER A 156 2.99 5.49 20.91
CA SER A 156 4.34 6.05 21.01
C SER A 156 4.54 7.32 20.19
N GLY A 157 3.66 7.63 19.25
CA GLY A 157 3.94 8.73 18.36
C GLY A 157 4.98 8.44 17.29
N LYS A 158 5.44 7.20 17.16
CA LYS A 158 6.41 6.84 16.15
C LYS A 158 5.72 6.14 14.98
N VAL A 159 6.33 6.28 13.80
CA VAL A 159 5.83 5.56 12.63
C VAL A 159 6.07 4.07 12.81
N VAL A 160 5.06 3.26 12.47
CA VAL A 160 5.21 1.80 12.36
C VAL A 160 4.60 1.43 11.02
N GLY A 161 5.43 1.16 10.01
CA GLY A 161 4.91 0.94 8.68
C GLY A 161 5.28 -0.38 8.04
N SER A 162 4.55 -0.78 7.00
CA SER A 162 4.91 -1.97 6.25
C SER A 162 4.29 -1.89 4.86
N TYR A 163 4.95 -2.56 3.91
CA TYR A 163 4.48 -2.66 2.54
C TYR A 163 3.70 -3.97 2.35
N PHE A 164 2.50 -3.86 1.78
CA PHE A 164 1.72 -4.98 1.29
C PHE A 164 1.83 -5.00 -0.23
N VAL A 165 2.05 -6.17 -0.83
CA VAL A 165 2.32 -6.28 -2.27
C VAL A 165 1.08 -6.79 -3.00
N GLU A 166 0.77 -6.14 -4.12
CA GLU A 166 -0.46 -6.43 -4.87
C GLU A 166 -0.54 -7.89 -5.28
N TRP A 167 0.60 -8.46 -5.70
CA TRP A 167 0.67 -9.81 -6.23
C TRP A 167 0.78 -10.88 -5.15
N GLY A 168 0.84 -10.49 -3.87
CA GLY A 168 0.94 -11.46 -2.80
C GLY A 168 -0.34 -12.25 -2.55
N VAL A 169 -1.45 -11.86 -3.18
CA VAL A 169 -2.70 -12.58 -3.02
C VAL A 169 -2.74 -13.88 -3.82
N TYR A 170 -1.71 -14.15 -4.62
CA TYR A 170 -1.65 -15.36 -5.43
C TYR A 170 -0.87 -16.45 -4.72
N GLY A 171 0.37 -16.70 -5.16
CA GLY A 171 1.16 -17.78 -4.56
C GLY A 171 1.37 -17.62 -3.07
N ARG A 172 1.68 -16.40 -2.61
CA ARG A 172 1.89 -16.17 -1.17
C ARG A 172 0.59 -16.26 -0.38
N ASN A 173 -0.56 -16.15 -1.05
CA ASN A 173 -1.88 -16.27 -0.43
C ASN A 173 -2.10 -15.29 0.72
N PHE A 174 -1.45 -14.12 0.67
CA PHE A 174 -1.55 -13.15 1.76
C PHE A 174 -2.45 -12.00 1.33
N THR A 175 -3.66 -11.98 1.87
CA THR A 175 -4.66 -10.99 1.51
C THR A 175 -4.75 -9.90 2.57
N VAL A 176 -5.57 -8.89 2.32
CA VAL A 176 -5.66 -7.73 3.20
C VAL A 176 -6.22 -8.11 4.56
N ASP A 177 -7.11 -9.10 4.61
CA ASP A 177 -7.67 -9.52 5.90
C ASP A 177 -6.64 -10.16 6.80
N LYS A 178 -5.44 -10.47 6.29
CA LYS A 178 -4.37 -11.04 7.10
C LYS A 178 -3.37 -10.00 7.59
N ILE A 179 -3.54 -8.74 7.19
CA ILE A 179 -2.70 -7.65 7.68
C ILE A 179 -3.03 -7.44 9.16
N PRO A 180 -2.04 -7.50 10.06
CA PRO A 180 -2.28 -7.14 11.46
C PRO A 180 -2.42 -5.63 11.61
N ALA A 181 -3.52 -5.07 11.07
CA ALA A 181 -3.58 -3.65 10.77
C ALA A 181 -3.47 -2.78 12.02
N GLN A 182 -4.00 -3.24 13.15
CA GLN A 182 -3.94 -2.41 14.35
C GLN A 182 -2.52 -2.17 14.83
N ASN A 183 -1.54 -2.93 14.33
CA ASN A 183 -0.14 -2.79 14.74
C ASN A 183 0.66 -1.90 13.81
N LEU A 184 -0.01 -1.09 12.99
CA LEU A 184 0.65 -0.21 12.04
C LEU A 184 0.09 1.19 12.14
N THR A 185 0.94 2.18 11.88
CA THR A 185 0.43 3.50 11.53
C THR A 185 0.32 3.69 10.04
N HIS A 186 1.17 3.01 9.27
CA HIS A 186 1.29 3.25 7.84
C HIS A 186 1.28 1.91 7.11
N LEU A 187 0.39 1.78 6.15
CA LEU A 187 0.33 0.62 5.28
C LEU A 187 0.51 1.10 3.85
N LEU A 188 1.60 0.66 3.22
CA LEU A 188 1.93 1.07 1.87
C LEU A 188 1.60 -0.05 0.89
N TYR A 189 1.02 0.32 -0.25
CA TYR A 189 0.52 -0.61 -1.24
C TYR A 189 1.49 -0.61 -2.42
N GLY A 190 2.24 -1.69 -2.59
CA GLY A 190 3.18 -1.82 -3.70
C GLY A 190 2.59 -2.72 -4.77
N PHE A 191 2.51 -2.19 -5.99
CA PHE A 191 2.92 -0.86 -6.44
C PHE A 191 1.92 -0.35 -7.47
N ILE A 192 1.75 0.97 -7.51
CA ILE A 192 0.99 1.62 -8.57
C ILE A 192 1.94 1.94 -9.72
N PRO A 193 1.66 1.49 -10.94
CA PRO A 193 2.58 1.71 -12.05
C PRO A 193 2.34 3.05 -12.74
N ILE A 194 3.29 3.42 -13.58
CA ILE A 194 3.22 4.59 -14.44
C ILE A 194 3.16 4.10 -15.88
N CYS A 195 2.12 4.51 -16.62
CA CYS A 195 1.91 4.03 -17.98
C CYS A 195 3.09 4.36 -18.89
N GLY A 196 3.42 3.42 -19.79
CA GLY A 196 4.42 3.67 -20.80
C GLY A 196 4.96 2.39 -21.40
N GLY A 197 5.12 2.36 -22.73
CA GLY A 197 5.60 1.19 -23.43
C GLY A 197 7.10 1.13 -23.61
N ASN A 198 7.54 0.82 -24.84
CA ASN A 198 8.95 0.66 -25.12
C ASN A 198 9.72 1.92 -24.74
N GLY A 199 10.89 1.72 -24.15
CA GLY A 199 11.71 2.81 -23.67
C GLY A 199 11.28 3.44 -22.35
N ILE A 200 10.07 3.15 -21.85
CA ILE A 200 9.54 3.82 -20.68
C ILE A 200 9.45 2.86 -19.48
N ASN A 201 9.11 1.59 -19.71
CA ASN A 201 9.02 0.57 -18.68
C ASN A 201 9.77 -0.70 -19.09
N ASP A 202 10.94 -0.55 -19.74
CA ASP A 202 11.68 -1.73 -20.23
C ASP A 202 12.05 -2.69 -19.09
N SER A 203 12.27 -2.17 -17.87
CA SER A 203 12.58 -3.06 -16.75
C SER A 203 11.47 -4.10 -16.50
N LEU A 204 10.23 -3.77 -16.83
CA LEU A 204 9.14 -4.74 -16.68
C LEU A 204 9.36 -5.97 -17.56
N LYS A 205 10.09 -5.82 -18.66
CA LYS A 205 10.19 -6.90 -19.63
C LYS A 205 10.94 -8.10 -19.07
N GLU A 206 11.66 -7.93 -17.97
CA GLU A 206 12.37 -9.05 -17.35
C GLU A 206 11.44 -9.99 -16.59
N ILE A 207 10.19 -9.60 -16.35
CA ILE A 207 9.20 -10.40 -15.63
C ILE A 207 8.18 -10.90 -16.63
N GLU A 208 7.95 -12.21 -16.62
CA GLU A 208 7.06 -12.84 -17.59
C GLU A 208 5.68 -12.19 -17.62
N GLY A 209 5.28 -11.68 -18.79
CA GLY A 209 3.95 -11.13 -18.95
C GLY A 209 3.72 -9.79 -18.28
N SER A 210 4.67 -9.28 -17.51
CA SER A 210 4.45 -8.08 -16.72
C SER A 210 4.34 -6.84 -17.61
N PHE A 211 5.29 -6.68 -18.55
CA PHE A 211 5.23 -5.55 -19.46
C PHE A 211 3.93 -5.54 -20.24
N GLN A 212 3.52 -6.70 -20.76
CA GLN A 212 2.30 -6.76 -21.56
C GLN A 212 1.07 -6.43 -20.72
N ALA A 213 1.04 -6.88 -19.45
CA ALA A 213 -0.11 -6.58 -18.60
C ALA A 213 -0.28 -5.08 -18.41
N LEU A 214 0.84 -4.35 -18.23
CA LEU A 214 0.73 -2.90 -18.07
C LEU A 214 0.22 -2.25 -19.35
N GLN A 215 0.72 -2.69 -20.51
CA GLN A 215 0.29 -2.07 -21.77
C GLN A 215 -1.21 -2.24 -21.97
N ARG A 216 -1.74 -3.40 -21.61
CA ARG A 216 -3.17 -3.61 -21.74
C ARG A 216 -3.95 -2.76 -20.75
N SER A 217 -3.43 -2.63 -19.53
CA SER A 217 -4.09 -1.75 -18.57
C SER A 217 -4.07 -0.31 -19.06
N CYS A 218 -2.97 0.09 -19.72
CA CYS A 218 -2.78 1.48 -20.15
C CYS A 218 -3.27 1.73 -21.57
N GLN A 219 -4.06 0.84 -22.15
CA GLN A 219 -4.55 1.06 -23.51
C GLN A 219 -5.41 2.32 -23.59
N GLY A 220 -5.09 3.20 -24.54
CA GLY A 220 -5.78 4.47 -24.67
C GLY A 220 -5.40 5.52 -23.65
N ARG A 221 -4.41 5.24 -22.81
CA ARG A 221 -4.03 6.10 -21.70
C ARG A 221 -2.63 6.65 -21.97
N GLU A 222 -2.47 7.96 -21.78
CA GLU A 222 -1.21 8.62 -22.09
C GLU A 222 -0.07 8.09 -21.23
N ASP A 223 1.13 8.05 -21.81
CA ASP A 223 2.32 7.73 -21.04
C ASP A 223 2.45 8.70 -19.88
N PHE A 224 3.00 8.21 -18.77
CA PHE A 224 3.32 8.96 -17.56
C PHE A 224 2.11 9.31 -16.72
N LYS A 225 0.93 8.76 -17.02
CA LYS A 225 -0.19 8.74 -16.08
C LYS A 225 -0.16 7.43 -15.29
N VAL A 226 -0.61 7.49 -14.03
CA VAL A 226 -0.64 6.26 -13.23
C VAL A 226 -1.80 5.39 -13.68
N SER A 227 -1.73 4.11 -13.31
CA SER A 227 -2.76 3.15 -13.63
C SER A 227 -2.75 2.09 -12.53
N ILE A 228 -3.39 0.95 -12.79
CA ILE A 228 -3.36 -0.21 -11.91
C ILE A 228 -2.73 -1.36 -12.70
N HIS A 229 -1.76 -2.05 -12.10
CA HIS A 229 -1.01 -3.06 -12.85
C HIS A 229 -1.81 -4.35 -13.02
N ASP A 230 -2.42 -4.84 -11.95
CA ASP A 230 -3.23 -6.06 -11.95
C ASP A 230 -4.62 -5.68 -11.47
N PRO A 231 -5.49 -5.22 -12.37
CA PRO A 231 -6.84 -4.82 -11.95
C PRO A 231 -7.66 -5.95 -11.35
N PHE A 232 -7.36 -7.20 -11.70
CA PHE A 232 -8.12 -8.30 -11.11
C PHE A 232 -7.80 -8.42 -9.63
N ALA A 233 -6.51 -8.50 -9.28
CA ALA A 233 -6.11 -8.55 -7.88
C ALA A 233 -6.55 -7.31 -7.12
N ALA A 234 -6.44 -6.14 -7.75
CA ALA A 234 -6.71 -4.90 -7.03
C ALA A 234 -8.21 -4.66 -6.83
N LEU A 235 -9.05 -5.17 -7.73
CA LEU A 235 -10.45 -4.73 -7.73
C LEU A 235 -11.48 -5.82 -7.92
N GLN A 236 -11.13 -7.00 -8.44
CA GLN A 236 -12.15 -7.95 -8.85
C GLN A 236 -12.04 -9.31 -8.19
N LYS A 237 -10.90 -9.66 -7.62
CA LYS A 237 -10.79 -10.96 -6.96
C LYS A 237 -11.66 -10.99 -5.70
N ALA A 238 -12.48 -12.02 -5.58
CA ALA A 238 -13.28 -12.20 -4.37
C ALA A 238 -12.38 -12.34 -3.15
N GLN A 239 -12.70 -11.59 -2.09
CA GLN A 239 -11.97 -11.67 -0.84
C GLN A 239 -12.94 -11.46 0.32
N LYS A 240 -12.51 -11.86 1.51
CA LYS A 240 -13.33 -11.75 2.72
C LYS A 240 -13.99 -10.38 2.84
N GLY A 241 -15.30 -10.38 3.04
CA GLY A 241 -16.05 -9.16 3.13
C GLY A 241 -16.45 -8.54 1.82
N VAL A 242 -15.86 -8.97 0.71
CA VAL A 242 -16.22 -8.44 -0.60
C VAL A 242 -16.35 -9.61 -1.58
N THR A 243 -17.32 -10.50 -1.33
CA THR A 243 -17.52 -11.69 -2.14
C THR A 243 -18.80 -11.67 -2.96
N ALA A 244 -19.75 -10.78 -2.66
CA ALA A 244 -21.02 -10.79 -3.38
C ALA A 244 -20.82 -10.23 -4.79
N TRP A 245 -21.47 -10.87 -5.78
CA TRP A 245 -21.20 -10.53 -7.18
C TRP A 245 -21.43 -9.06 -7.46
N ASP A 246 -22.41 -8.42 -6.81
CA ASP A 246 -22.68 -7.02 -7.08
C ASP A 246 -21.99 -6.08 -6.09
N ASP A 247 -21.05 -6.57 -5.28
CA ASP A 247 -20.13 -5.70 -4.56
C ASP A 247 -19.25 -4.98 -5.56
N PRO A 248 -19.35 -3.65 -5.70
CA PRO A 248 -18.65 -2.99 -6.81
C PRO A 248 -17.15 -2.98 -6.66
N TYR A 249 -16.61 -2.95 -5.44
CA TYR A 249 -15.17 -2.98 -5.22
C TYR A 249 -14.81 -4.24 -4.45
N LYS A 250 -14.02 -5.12 -5.09
CA LYS A 250 -13.50 -6.29 -4.40
C LYS A 250 -11.98 -6.20 -4.40
N GLY A 251 -11.31 -7.35 -4.37
CA GLY A 251 -9.86 -7.36 -4.45
C GLY A 251 -9.21 -6.63 -3.28
N ASN A 252 -7.97 -6.20 -3.52
CA ASN A 252 -7.23 -5.48 -2.49
C ASN A 252 -7.88 -4.14 -2.16
N PHE A 253 -8.36 -3.41 -3.18
CA PHE A 253 -8.90 -2.07 -2.95
C PHE A 253 -10.17 -2.13 -2.11
N GLY A 254 -11.08 -3.06 -2.45
CA GLY A 254 -12.28 -3.24 -1.65
C GLY A 254 -11.97 -3.54 -0.20
N GLN A 255 -11.10 -4.51 0.04
CA GLN A 255 -10.71 -4.85 1.41
C GLN A 255 -10.02 -3.68 2.10
N LEU A 256 -9.21 -2.90 1.36
CA LEU A 256 -8.55 -1.76 2.01
C LEU A 256 -9.56 -0.69 2.40
N MET A 257 -10.60 -0.51 1.60
CA MET A 257 -11.72 0.35 1.96
C MET A 257 -12.34 -0.09 3.27
N ALA A 258 -12.67 -1.39 3.39
CA ALA A 258 -13.26 -1.89 4.63
C ALA A 258 -12.26 -1.81 5.77
N LEU A 259 -10.97 -1.98 5.49
CA LEU A 259 -9.94 -1.80 6.51
C LEU A 259 -9.89 -0.37 7.02
N LYS A 260 -10.03 0.59 6.11
CA LYS A 260 -10.14 2.00 6.48
C LYS A 260 -11.30 2.22 7.44
N GLN A 261 -12.44 1.56 7.19
CA GLN A 261 -13.60 1.72 8.06
C GLN A 261 -13.31 1.19 9.46
N ALA A 262 -12.54 0.11 9.54
CA ALA A 262 -12.20 -0.45 10.84
C ALA A 262 -11.10 0.32 11.55
N HIS A 263 -10.29 1.08 10.82
CA HIS A 263 -9.12 1.78 11.37
C HIS A 263 -9.00 3.13 10.69
N PRO A 264 -9.84 4.10 11.06
CA PRO A 264 -9.83 5.39 10.35
C PRO A 264 -8.55 6.18 10.52
N ASP A 265 -7.72 5.84 11.51
CA ASP A 265 -6.45 6.52 11.70
C ASP A 265 -5.29 5.86 10.96
N LEU A 266 -5.49 4.68 10.38
CA LEU A 266 -4.44 4.07 9.60
C LEU A 266 -4.19 4.89 8.35
N LYS A 267 -2.92 5.15 8.03
CA LYS A 267 -2.59 5.85 6.79
C LYS A 267 -2.31 4.78 5.74
N ILE A 268 -3.07 4.80 4.66
CA ILE A 268 -2.92 3.84 3.58
C ILE A 268 -2.41 4.60 2.38
N LEU A 269 -1.18 4.32 1.97
CA LEU A 269 -0.51 5.08 0.95
C LEU A 269 -0.23 4.21 -0.26
N PRO A 270 -0.57 4.67 -1.47
CA PRO A 270 -0.13 3.94 -2.67
C PRO A 270 1.33 4.24 -2.94
N SER A 271 2.10 3.19 -3.22
CA SER A 271 3.51 3.34 -3.53
C SER A 271 3.71 3.26 -5.03
N ILE A 272 4.34 4.29 -5.61
CA ILE A 272 4.59 4.35 -7.04
C ILE A 272 6.06 4.05 -7.27
N GLY A 273 6.33 3.01 -8.06
CA GLY A 273 7.69 2.64 -8.38
C GLY A 273 8.08 1.25 -7.94
N GLY A 274 9.15 1.13 -7.17
CA GLY A 274 9.75 -0.16 -6.90
C GLY A 274 10.81 -0.47 -7.93
N TRP A 275 11.35 -1.69 -7.83
CA TRP A 275 12.54 -2.04 -8.59
C TRP A 275 12.28 -2.04 -10.10
N THR A 276 11.10 -2.50 -10.52
CA THR A 276 10.82 -2.70 -11.93
C THR A 276 9.84 -1.69 -12.51
N LEU A 277 9.28 -0.79 -11.70
CA LEU A 277 8.36 0.23 -12.18
C LEU A 277 8.94 1.63 -12.03
N SER A 278 10.25 1.75 -11.82
CA SER A 278 10.89 3.04 -11.61
C SER A 278 11.37 3.75 -12.88
N ASP A 279 11.47 3.05 -14.02
CA ASP A 279 12.03 3.68 -15.21
C ASP A 279 11.38 5.01 -15.56
N PRO A 280 10.04 5.17 -15.52
CA PRO A 280 9.46 6.45 -15.97
C PRO A 280 9.93 7.66 -15.18
N PHE A 281 10.32 7.50 -13.91
CA PHE A 281 10.79 8.64 -13.13
C PHE A 281 11.94 9.34 -13.84
N PHE A 282 12.81 8.57 -14.50
CA PHE A 282 14.00 9.10 -15.16
C PHE A 282 13.69 10.04 -16.33
N PHE A 283 12.44 10.14 -16.77
CA PHE A 283 12.06 11.04 -17.86
C PHE A 283 11.42 12.33 -17.38
N MET A 284 11.30 12.49 -16.06
CA MET A 284 10.47 13.53 -15.47
C MET A 284 11.22 14.86 -15.32
N GLY A 285 12.46 14.94 -15.81
CA GLY A 285 13.07 16.23 -16.07
C GLY A 285 12.30 17.07 -17.09
N ASP A 286 11.56 16.43 -17.97
CA ASP A 286 10.62 17.12 -18.85
C ASP A 286 9.38 17.50 -18.04
N LYS A 287 9.24 18.81 -17.73
CA LYS A 287 8.11 19.22 -16.89
C LYS A 287 6.76 18.91 -17.53
N VAL A 288 6.71 18.72 -18.85
CA VAL A 288 5.46 18.30 -19.47
C VAL A 288 5.05 16.92 -18.96
N LYS A 289 6.01 15.99 -18.89
CA LYS A 289 5.71 14.66 -18.35
C LYS A 289 5.46 14.72 -16.85
N ARG A 290 6.29 15.46 -16.12
CA ARG A 290 6.12 15.56 -14.68
C ARG A 290 4.74 16.12 -14.32
N ASP A 291 4.35 17.21 -14.98
CA ASP A 291 3.01 17.77 -14.78
C ASP A 291 1.93 16.74 -15.03
N ARG A 292 2.06 15.98 -16.12
CA ARG A 292 1.04 14.97 -16.42
C ARG A 292 0.99 13.90 -15.33
N PHE A 293 2.15 13.50 -14.82
CA PHE A 293 2.21 12.52 -13.74
C PHE A 293 1.56 13.05 -12.47
N VAL A 294 1.94 14.26 -12.05
CA VAL A 294 1.39 14.83 -10.82
C VAL A 294 -0.12 14.99 -10.94
N GLY A 295 -0.61 15.44 -12.11
CA GLY A 295 -2.04 15.54 -12.30
C GLY A 295 -2.75 14.20 -12.20
N SER A 296 -2.14 13.13 -12.73
CA SER A 296 -2.78 11.82 -12.67
C SER A 296 -2.75 11.25 -11.24
N VAL A 297 -1.76 11.61 -10.43
CA VAL A 297 -1.79 11.19 -9.03
C VAL A 297 -2.94 11.86 -8.30
N LYS A 298 -3.19 13.13 -8.57
CA LYS A 298 -4.33 13.83 -7.97
C LYS A 298 -5.63 13.14 -8.34
N GLU A 299 -5.82 12.85 -9.63
CA GLU A 299 -7.01 12.17 -10.10
C GLU A 299 -7.14 10.79 -9.45
N PHE A 300 -6.03 10.07 -9.33
CA PHE A 300 -6.04 8.78 -8.65
C PHE A 300 -6.54 8.89 -7.22
N LEU A 301 -6.11 9.94 -6.50
CA LEU A 301 -6.53 10.08 -5.11
C LEU A 301 -7.96 10.57 -5.01
N GLN A 302 -8.41 11.37 -5.97
CA GLN A 302 -9.83 11.72 -6.04
C GLN A 302 -10.68 10.51 -6.43
N THR A 303 -10.09 9.56 -7.15
CA THR A 303 -10.84 8.38 -7.55
C THR A 303 -10.92 7.35 -6.43
N TRP A 304 -9.79 7.09 -5.75
CA TRP A 304 -9.68 6.05 -4.73
C TRP A 304 -9.52 6.76 -3.39
N LYS A 305 -10.66 7.09 -2.77
CA LYS A 305 -10.68 7.97 -1.61
CA LYS A 305 -10.65 7.98 -1.62
C LYS A 305 -10.11 7.33 -0.36
N PHE A 306 -9.99 5.99 -0.32
CA PHE A 306 -9.42 5.37 0.87
C PHE A 306 -7.92 5.64 1.02
N PHE A 307 -7.24 6.09 -0.04
CA PHE A 307 -5.80 6.35 0.01
C PHE A 307 -5.54 7.71 0.65
N ASP A 308 -4.46 7.79 1.44
CA ASP A 308 -4.18 8.97 2.27
C ASP A 308 -2.99 9.79 1.79
N GLY A 309 -2.60 9.67 0.53
CA GLY A 309 -1.42 10.40 0.07
C GLY A 309 -0.70 9.60 -1.00
N VAL A 310 0.62 9.72 -1.04
CA VAL A 310 1.39 9.04 -2.08
C VAL A 310 2.81 8.78 -1.59
N ASP A 311 3.31 7.58 -1.88
CA ASP A 311 4.67 7.17 -1.59
C ASP A 311 5.43 7.03 -2.89
N ILE A 312 6.59 7.68 -2.97
CA ILE A 312 7.39 7.70 -4.18
C ILE A 312 8.58 6.76 -3.98
N ASP A 313 8.56 5.62 -4.66
CA ASP A 313 9.62 4.62 -4.51
C ASP A 313 10.44 4.58 -5.80
N TRP A 314 11.26 5.62 -6.00
CA TRP A 314 12.09 5.77 -7.21
C TRP A 314 13.44 5.12 -6.95
N GLU A 315 13.73 4.03 -7.66
CA GLU A 315 14.98 3.30 -7.44
C GLU A 315 15.80 3.34 -8.73
N PHE A 316 16.77 4.25 -8.80
CA PHE A 316 17.15 5.30 -7.86
C PHE A 316 17.48 6.54 -8.68
N PRO A 317 17.29 7.73 -8.10
CA PRO A 317 17.81 8.94 -8.76
C PRO A 317 19.30 8.80 -9.04
N GLY A 318 19.71 8.97 -10.29
CA GLY A 318 21.10 8.82 -10.67
C GLY A 318 21.44 7.48 -11.28
N GLY A 319 20.53 6.52 -11.23
CA GLY A 319 20.75 5.22 -11.82
C GLY A 319 21.11 4.16 -10.80
N LYS A 320 21.65 3.06 -11.33
CA LYS A 320 21.98 1.84 -10.59
C LYS A 320 20.74 1.11 -10.10
N GLY A 321 19.61 1.31 -10.77
CA GLY A 321 18.43 0.50 -10.57
C GLY A 321 18.43 -0.69 -11.50
N ALA A 322 17.22 -1.16 -11.83
CA ALA A 322 17.10 -2.31 -12.72
C ALA A 322 17.63 -2.00 -14.12
N ASN A 323 17.51 -0.76 -14.58
CA ASN A 323 17.81 -0.43 -15.96
C ASN A 323 19.21 0.17 -16.07
N PRO A 324 20.18 -0.53 -16.67
CA PRO A 324 21.53 0.01 -16.77
C PRO A 324 21.65 1.18 -17.73
N ASN A 325 20.63 1.45 -18.53
CA ASN A 325 20.68 2.54 -19.50
C ASN A 325 20.04 3.82 -18.97
N LEU A 326 19.68 3.87 -17.69
CA LEU A 326 19.00 5.04 -17.16
C LEU A 326 19.77 5.58 -15.96
N GLY A 327 19.61 6.88 -15.74
CA GLY A 327 20.33 7.56 -14.67
C GLY A 327 21.03 8.77 -15.23
N SER A 328 20.85 9.92 -14.57
CA SER A 328 21.36 11.19 -15.05
C SER A 328 21.74 12.04 -13.86
N PRO A 329 22.75 12.91 -13.99
CA PRO A 329 23.04 13.86 -12.90
C PRO A 329 21.93 14.86 -12.66
N GLN A 330 20.98 14.99 -13.58
CA GLN A 330 19.81 15.85 -13.40
C GLN A 330 18.80 15.25 -12.42
N ASP A 331 18.95 13.96 -12.08
CA ASP A 331 17.90 13.26 -11.34
C ASP A 331 17.68 13.87 -9.96
N GLY A 332 18.73 14.37 -9.33
CA GLY A 332 18.57 14.97 -8.02
C GLY A 332 17.68 16.20 -8.04
N GLU A 333 17.85 17.05 -9.06
CA GLU A 333 16.96 18.21 -9.19
C GLU A 333 15.55 17.77 -9.55
N THR A 334 15.42 16.81 -10.47
CA THR A 334 14.10 16.26 -10.81
C THR A 334 13.36 15.75 -9.56
N TYR A 335 14.06 15.03 -8.69
CA TYR A 335 13.44 14.50 -7.48
C TYR A 335 12.91 15.63 -6.58
N VAL A 336 13.74 16.64 -6.33
CA VAL A 336 13.32 17.74 -5.47
C VAL A 336 12.12 18.45 -6.08
N LEU A 337 12.15 18.66 -7.40
CA LEU A 337 11.02 19.32 -8.06
C LEU A 337 9.76 18.47 -7.97
N LEU A 338 9.89 17.15 -8.18
CA LEU A 338 8.75 16.26 -8.06
C LEU A 338 8.14 16.33 -6.66
N MET A 339 8.98 16.27 -5.62
CA MET A 339 8.46 16.34 -4.25
C MET A 339 7.77 17.67 -3.98
N LYS A 340 8.33 18.78 -4.49
CA LYS A 340 7.69 20.08 -4.30
C LYS A 340 6.32 20.12 -4.97
N GLU A 341 6.25 19.69 -6.23
CA GLU A 341 4.99 19.78 -6.96
C GLU A 341 3.96 18.78 -6.43
N LEU A 342 4.40 17.58 -6.01
CA LEU A 342 3.47 16.65 -5.39
C LEU A 342 2.89 17.24 -4.11
N ARG A 343 3.74 17.89 -3.30
CA ARG A 343 3.27 18.48 -2.07
C ARG A 343 2.27 19.60 -2.33
N ALA A 344 2.51 20.42 -3.36
CA ALA A 344 1.58 21.47 -3.70
C ALA A 344 0.24 20.90 -4.16
N MET A 345 0.28 19.84 -4.96
CA MET A 345 -0.95 19.14 -5.32
C MET A 345 -1.64 18.55 -4.10
N LEU A 346 -0.88 17.94 -3.19
CA LEU A 346 -1.50 17.33 -2.02
C LEU A 346 -2.08 18.39 -1.09
N ASP A 347 -1.39 19.53 -0.94
CA ASP A 347 -1.91 20.62 -0.12
C ASP A 347 -3.25 21.10 -0.67
N GLN A 348 -3.34 21.27 -1.99
CA GLN A 348 -4.60 21.69 -2.61
C GLN A 348 -5.69 20.65 -2.38
N LEU A 349 -5.37 19.37 -2.58
CA LEU A 349 -6.30 18.30 -2.27
C LEU A 349 -6.74 18.35 -0.82
N SER A 350 -5.80 18.63 0.09
CA SER A 350 -6.08 18.63 1.51
C SER A 350 -7.10 19.68 1.89
N VAL A 351 -6.95 20.90 1.37
CA VAL A 351 -7.90 21.96 1.72
C VAL A 351 -9.21 21.81 0.96
N GLU A 352 -9.21 21.08 -0.16
CA GLU A 352 -10.47 20.82 -0.85
C GLU A 352 -11.32 19.82 -0.09
N THR A 353 -10.67 18.89 0.62
CA THR A 353 -11.36 17.81 1.30
C THR A 353 -11.38 17.94 2.80
N GLY A 354 -10.60 18.85 3.39
CA GLY A 354 -10.46 18.85 4.83
C GLY A 354 -9.65 17.70 5.40
N ARG A 355 -9.00 16.90 4.57
CA ARG A 355 -8.19 15.78 5.04
C ARG A 355 -6.71 16.15 5.04
N LYS A 356 -5.95 15.46 5.87
CA LYS A 356 -4.50 15.56 5.82
C LYS A 356 -3.98 14.48 4.87
N TYR A 357 -3.17 14.90 3.90
CA TYR A 357 -2.55 13.98 2.95
C TYR A 357 -1.04 13.95 3.20
N GLU A 358 -0.44 12.79 3.04
CA GLU A 358 0.98 12.62 3.32
C GLU A 358 1.75 12.35 2.03
N LEU A 359 2.99 12.84 1.98
CA LEU A 359 3.91 12.56 0.89
C LEU A 359 5.13 11.89 1.49
N THR A 360 5.47 10.70 0.99
CA THR A 360 6.59 9.93 1.49
C THR A 360 7.43 9.41 0.33
N SER A 361 8.57 8.85 0.66
CA SER A 361 9.39 8.24 -0.37
C SER A 361 10.27 7.17 0.27
N ALA A 362 10.43 6.05 -0.43
CA ALA A 362 11.40 5.03 -0.07
C ALA A 362 12.68 5.31 -0.82
N ILE A 363 13.81 5.41 -0.10
CA ILE A 363 15.07 5.80 -0.70
C ILE A 363 16.15 4.78 -0.36
N SER A 364 17.16 4.68 -1.23
CA SER A 364 18.32 3.86 -0.94
C SER A 364 19.01 4.36 0.32
N ALA A 365 19.55 3.41 1.11
CA ALA A 365 20.33 3.71 2.30
C ALA A 365 21.83 3.81 2.01
N GLY A 366 22.27 3.57 0.78
CA GLY A 366 23.69 3.70 0.44
C GLY A 366 24.10 5.16 0.27
N LYS A 367 25.23 5.51 0.87
CA LYS A 367 25.68 6.90 0.85
C LYS A 367 25.93 7.39 -0.58
N ASP A 368 26.45 6.51 -1.45
CA ASP A 368 26.70 6.92 -2.83
C ASP A 368 25.40 7.35 -3.52
N LYS A 369 24.30 6.67 -3.20
CA LYS A 369 23.03 7.07 -3.79
C LYS A 369 22.41 8.24 -3.05
N ILE A 370 22.59 8.29 -1.73
CA ILE A 370 21.97 9.35 -0.93
C ILE A 370 22.48 10.72 -1.35
N ASP A 371 23.77 10.81 -1.68
CA ASP A 371 24.36 12.10 -1.99
C ASP A 371 24.10 12.55 -3.42
N LYS A 372 23.27 11.82 -4.18
CA LYS A 372 22.78 12.31 -5.45
C LYS A 372 21.58 13.24 -5.30
N VAL A 373 21.06 13.38 -4.09
CA VAL A 373 19.81 14.10 -3.86
C VAL A 373 20.01 15.01 -2.66
N ALA A 374 19.50 16.24 -2.74
CA ALA A 374 19.55 17.17 -1.61
C ALA A 374 18.30 16.94 -0.76
N TYR A 375 18.35 15.89 0.06
CA TYR A 375 17.23 15.59 0.94
C TYR A 375 17.00 16.68 1.98
N ASN A 376 18.03 17.46 2.31
CA ASN A 376 17.84 18.58 3.21
C ASN A 376 16.88 19.62 2.62
N VAL A 377 16.79 19.70 1.30
CA VAL A 377 15.79 20.56 0.66
C VAL A 377 14.47 19.82 0.47
N ALA A 378 14.52 18.61 -0.08
CA ALA A 378 13.29 17.86 -0.35
C ALA A 378 12.49 17.57 0.91
N GLN A 379 13.15 17.46 2.07
CA GLN A 379 12.47 17.09 3.31
C GLN A 379 11.35 18.05 3.67
N ASN A 380 11.44 19.30 3.24
CA ASN A 380 10.40 20.27 3.56
C ASN A 380 9.09 19.98 2.85
N SER A 381 9.12 19.17 1.79
CA SER A 381 7.92 18.73 1.10
C SER A 381 7.38 17.40 1.62
N MET A 382 8.11 16.69 2.47
CA MET A 382 7.87 15.28 2.74
C MET A 382 7.48 15.05 4.19
N ASP A 383 6.51 14.16 4.42
CA ASP A 383 6.15 13.80 5.80
C ASP A 383 7.10 12.76 6.36
N HIS A 384 7.55 11.79 5.55
CA HIS A 384 8.40 10.72 6.03
C HIS A 384 9.34 10.28 4.92
N ILE A 385 10.58 9.97 5.31
CA ILE A 385 11.57 9.33 4.44
C ILE A 385 11.70 7.88 4.91
N PHE A 386 11.32 6.93 4.06
CA PHE A 386 11.48 5.51 4.38
C PHE A 386 12.87 5.08 3.93
N LEU A 387 13.80 5.04 4.87
CA LEU A 387 15.20 4.71 4.59
C LEU A 387 15.33 3.20 4.40
N MET A 388 15.62 2.78 3.17
CA MET A 388 15.63 1.36 2.84
C MET A 388 16.95 0.77 3.36
N SER A 389 17.04 0.68 4.69
CA SER A 389 18.24 0.19 5.36
C SER A 389 18.26 -1.35 5.35
N TYR A 390 18.31 -1.89 4.14
CA TYR A 390 18.42 -3.33 3.91
C TYR A 390 18.96 -3.53 2.50
N ASP A 391 19.08 -4.79 2.09
CA ASP A 391 19.77 -5.18 0.85
C ASP A 391 21.20 -4.62 0.78
N PHE A 392 21.87 -4.50 1.93
CA PHE A 392 23.29 -4.10 1.91
C PHE A 392 24.14 -5.16 1.23
N TYR A 393 23.80 -6.43 1.40
CA TYR A 393 24.52 -7.54 0.80
C TYR A 393 23.49 -8.57 0.35
N GLY A 394 23.91 -9.47 -0.52
CA GLY A 394 23.01 -10.49 -1.01
C GLY A 394 23.65 -11.28 -2.14
N ALA A 395 22.85 -12.18 -2.72
CA ALA A 395 23.32 -13.06 -3.77
C ALA A 395 23.65 -12.31 -5.07
N PHE A 396 23.35 -11.02 -5.17
CA PHE A 396 23.78 -10.25 -6.34
C PHE A 396 25.28 -10.03 -6.35
N ASP A 397 25.96 -10.33 -5.24
CA ASP A 397 27.41 -10.23 -5.13
C ASP A 397 27.89 -11.47 -4.37
N LEU A 398 28.52 -12.41 -5.07
CA LEU A 398 28.97 -13.64 -4.46
C LEU A 398 30.37 -13.56 -3.87
N LYS A 399 31.05 -12.43 -4.06
CA LYS A 399 32.42 -12.27 -3.59
C LYS A 399 32.51 -11.56 -2.25
N ASN A 400 31.73 -10.50 -2.05
CA ASN A 400 31.79 -9.71 -0.83
C ASN A 400 30.50 -9.95 -0.04
N LEU A 401 30.62 -10.72 1.05
CA LEU A 401 29.48 -11.08 1.87
C LEU A 401 29.42 -10.19 3.11
N GLY A 402 28.23 -10.05 3.67
CA GLY A 402 28.03 -9.24 4.87
C GLY A 402 26.58 -9.25 5.31
N HIS A 403 26.31 -8.55 6.41
CA HIS A 403 24.94 -8.45 6.90
C HIS A 403 24.12 -7.53 6.00
N GLN A 404 22.96 -8.02 5.55
CA GLN A 404 22.16 -7.27 4.59
C GLN A 404 21.40 -6.10 5.23
N THR A 405 21.25 -6.08 6.56
CA THR A 405 20.37 -5.08 7.15
C THR A 405 20.85 -4.65 8.54
N ALA A 406 22.13 -4.81 8.83
CA ALA A 406 22.66 -4.58 10.17
C ALA A 406 22.58 -3.11 10.57
N LEU A 407 22.59 -2.89 11.88
CA LEU A 407 22.70 -1.53 12.40
C LEU A 407 24.10 -0.97 12.19
N ASN A 408 25.13 -1.74 12.55
CA ASN A 408 26.52 -1.28 12.58
C ASN A 408 27.42 -2.18 11.74
N ALA A 409 28.67 -1.76 11.60
CA ALA A 409 29.67 -2.62 10.98
C ALA A 409 30.02 -3.77 11.92
N PRO A 410 30.41 -4.92 11.38
CA PRO A 410 30.84 -6.03 12.23
C PRO A 410 32.26 -5.81 12.73
N ALA A 411 32.62 -6.58 13.77
CA ALA A 411 33.95 -6.43 14.37
C ALA A 411 35.06 -6.78 13.39
N TRP A 412 34.83 -7.73 12.48
CA TRP A 412 35.84 -8.13 11.53
C TRP A 412 36.01 -7.18 10.35
N LYS A 413 35.22 -6.09 10.28
CA LYS A 413 35.34 -5.11 9.22
C LYS A 413 34.65 -3.82 9.65
N PRO A 414 35.23 -3.07 10.59
CA PRO A 414 34.56 -1.87 11.09
C PRO A 414 34.41 -0.77 10.05
N ASP A 415 35.10 -0.86 8.93
CA ASP A 415 35.00 0.12 7.86
C ASP A 415 33.89 -0.20 6.87
N THR A 416 33.08 -1.24 7.12
CA THR A 416 31.98 -1.60 6.24
C THR A 416 31.19 -0.37 5.82
N ALA A 417 30.99 -0.22 4.51
CA ALA A 417 30.35 0.98 3.98
C ALA A 417 28.85 0.97 4.24
N TYR A 418 28.21 -0.18 4.03
CA TYR A 418 26.75 -0.28 3.92
C TYR A 418 26.19 -0.76 5.25
N THR A 419 25.83 0.18 6.11
CA THR A 419 25.16 -0.11 7.37
C THR A 419 24.01 0.87 7.53
N THR A 420 23.09 0.54 8.45
CA THR A 420 21.98 1.44 8.73
C THR A 420 22.49 2.79 9.22
N VAL A 421 23.44 2.76 10.17
CA VAL A 421 23.94 3.98 10.78
C VAL A 421 24.58 4.89 9.73
N ASN A 422 25.31 4.29 8.78
CA ASN A 422 25.96 5.11 7.76
C ASN A 422 24.94 5.78 6.84
N GLY A 423 23.84 5.11 6.55
CA GLY A 423 22.78 5.74 5.77
C GLY A 423 22.10 6.88 6.51
N VAL A 424 21.76 6.62 7.79
CA VAL A 424 21.22 7.69 8.63
C VAL A 424 22.20 8.85 8.71
N ASN A 425 23.48 8.55 8.94
CA ASN A 425 24.46 9.62 9.13
C ASN A 425 24.61 10.45 7.86
N ALA A 426 24.52 9.82 6.69
CA ALA A 426 24.58 10.59 5.45
C ALA A 426 23.42 11.58 5.36
N LEU A 427 22.21 11.15 5.72
CA LEU A 427 21.07 12.07 5.70
C LEU A 427 21.26 13.19 6.69
N LEU A 428 21.65 12.86 7.92
CA LEU A 428 21.85 13.86 8.96
C LEU A 428 22.91 14.88 8.55
N ALA A 429 23.99 14.40 7.92
CA ALA A 429 25.06 15.30 7.47
C ALA A 429 24.58 16.26 6.39
N GLN A 430 23.58 15.86 5.60
CA GLN A 430 22.99 16.78 4.63
C GLN A 430 22.22 17.91 5.31
N GLY A 431 21.82 17.73 6.56
CA GLY A 431 20.86 18.60 7.20
C GLY A 431 19.45 18.05 7.34
N VAL A 432 19.23 16.75 7.06
CA VAL A 432 17.90 16.19 7.25
C VAL A 432 17.56 16.16 8.73
N LYS A 433 16.37 16.62 9.08
CA LYS A 433 15.92 16.57 10.45
C LYS A 433 15.72 15.10 10.87
N PRO A 434 16.21 14.69 12.04
CA PRO A 434 16.11 13.27 12.41
C PRO A 434 14.69 12.74 12.42
N GLY A 435 13.71 13.57 12.79
CA GLY A 435 12.34 13.08 12.89
C GLY A 435 11.73 12.68 11.57
N LYS A 436 12.31 13.10 10.44
CA LYS A 436 11.84 12.71 9.12
C LYS A 436 12.23 11.29 8.75
N ILE A 437 13.17 10.68 9.44
CA ILE A 437 13.83 9.47 8.98
C ILE A 437 13.19 8.26 9.63
N VAL A 438 12.66 7.34 8.81
CA VAL A 438 12.07 6.09 9.26
C VAL A 438 12.99 4.96 8.87
N VAL A 439 13.46 4.21 9.86
CA VAL A 439 14.47 3.18 9.64
C VAL A 439 13.79 1.90 9.16
N GLY A 440 14.42 1.20 8.23
CA GLY A 440 13.86 0.01 7.63
C GLY A 440 14.31 -1.28 8.31
N THR A 441 13.37 -2.21 8.45
CA THR A 441 13.63 -3.57 8.91
C THR A 441 13.22 -4.55 7.81
N ALA A 442 13.88 -5.70 7.78
CA ALA A 442 13.64 -6.71 6.76
C ALA A 442 12.85 -7.87 7.36
N MET A 443 11.68 -8.16 6.80
CA MET A 443 10.93 -9.38 7.08
C MET A 443 11.34 -10.53 6.18
N TYR A 444 12.59 -10.51 5.71
CA TYR A 444 13.13 -11.51 4.80
C TYR A 444 14.63 -11.59 5.03
N GLY A 445 15.21 -12.74 4.70
CA GLY A 445 16.64 -12.90 4.66
C GLY A 445 17.14 -12.95 3.23
N ARG A 446 18.39 -12.55 3.03
CA ARG A 446 19.11 -12.81 1.81
C ARG A 446 20.17 -13.85 2.09
N GLY A 447 20.50 -14.66 1.10
CA GLY A 447 21.36 -15.81 1.36
C GLY A 447 22.16 -16.28 0.17
N TRP A 448 23.30 -16.89 0.48
CA TRP A 448 24.19 -17.52 -0.49
C TRP A 448 24.28 -19.02 -0.22
N THR A 449 24.74 -19.75 -1.23
CA THR A 449 25.06 -21.17 -1.07
C THR A 449 26.53 -21.40 -1.34
N GLY A 450 27.04 -22.51 -0.81
CA GLY A 450 28.41 -22.91 -1.10
C GLY A 450 29.47 -21.98 -0.54
N VAL A 451 29.19 -21.33 0.59
CA VAL A 451 30.18 -20.43 1.17
C VAL A 451 31.40 -21.24 1.61
N ASN A 452 32.59 -20.69 1.37
CA ASN A 452 33.83 -21.42 1.59
C ASN A 452 34.99 -20.44 1.69
N GLY A 453 36.11 -20.92 2.23
CA GLY A 453 37.28 -20.09 2.35
C GLY A 453 37.17 -18.99 3.39
N TYR A 454 36.44 -19.24 4.47
CA TYR A 454 36.29 -18.26 5.53
C TYR A 454 37.23 -18.59 6.70
N GLN A 455 37.51 -17.57 7.49
CA GLN A 455 38.51 -17.62 8.55
C GLN A 455 37.84 -17.43 9.90
N ASN A 456 38.34 -18.15 10.90
CA ASN A 456 37.99 -17.92 12.31
C ASN A 456 36.50 -18.06 12.56
N ASN A 457 35.88 -19.02 11.87
CA ASN A 457 34.48 -19.37 12.02
C ASN A 457 33.52 -18.22 11.65
N ILE A 458 34.00 -17.25 10.87
CA ILE A 458 33.13 -16.17 10.39
C ILE A 458 32.82 -16.39 8.91
N PRO A 459 31.65 -16.95 8.57
CA PRO A 459 31.38 -17.30 7.16
C PRO A 459 31.39 -16.12 6.22
N PHE A 460 31.21 -14.90 6.71
CA PHE A 460 31.18 -13.72 5.84
C PHE A 460 32.55 -13.39 5.26
N THR A 461 33.64 -13.88 5.86
CA THR A 461 34.96 -13.62 5.31
C THR A 461 35.32 -14.55 4.15
N GLY A 462 34.40 -15.43 3.76
CA GLY A 462 34.61 -16.32 2.64
C GLY A 462 34.02 -15.77 1.35
N THR A 463 33.76 -16.68 0.41
CA THR A 463 33.09 -16.34 -0.84
C THR A 463 32.08 -17.43 -1.14
N ALA A 464 31.11 -17.09 -1.98
CA ALA A 464 29.97 -17.95 -2.27
C ALA A 464 30.02 -18.42 -3.72
N THR A 465 29.29 -19.51 -3.99
CA THR A 465 29.20 -20.07 -5.33
C THR A 465 27.83 -19.87 -5.98
N GLY A 466 26.87 -19.29 -5.27
CA GLY A 466 25.55 -19.06 -5.82
C GLY A 466 24.60 -18.53 -4.77
N PRO A 467 23.33 -18.34 -5.15
CA PRO A 467 22.33 -17.89 -4.18
C PRO A 467 21.80 -19.04 -3.34
N VAL A 468 21.33 -18.70 -2.14
CA VAL A 468 20.59 -19.69 -1.35
C VAL A 468 19.28 -19.99 -2.05
N LYS A 469 18.80 -21.23 -1.90
CA LYS A 469 17.47 -21.55 -2.39
C LYS A 469 16.45 -20.70 -1.66
N GLY A 470 15.55 -20.05 -2.41
CA GLY A 470 14.65 -19.07 -1.86
C GLY A 470 13.25 -19.61 -1.61
N THR A 471 12.48 -18.84 -0.83
CA THR A 471 11.08 -19.15 -0.63
C THR A 471 10.32 -19.03 -1.94
N TRP A 472 10.47 -17.89 -2.63
CA TRP A 472 9.80 -17.59 -3.88
C TRP A 472 10.75 -17.26 -5.02
N GLU A 473 11.96 -16.82 -4.71
CA GLU A 473 12.96 -16.53 -5.73
C GLU A 473 14.33 -16.70 -5.10
N ASN A 474 15.31 -16.98 -5.96
CA ASN A 474 16.66 -17.26 -5.51
C ASN A 474 17.19 -16.15 -4.62
N GLY A 475 17.90 -16.54 -3.56
CA GLY A 475 18.64 -15.63 -2.75
C GLY A 475 17.84 -14.88 -1.71
N ILE A 476 16.54 -15.12 -1.62
CA ILE A 476 15.65 -14.41 -0.70
C ILE A 476 14.76 -15.40 0.02
N VAL A 477 14.66 -15.28 1.35
CA VAL A 477 13.86 -16.19 2.17
C VAL A 477 12.93 -15.37 3.07
N ASP A 478 11.63 -15.70 3.05
CA ASP A 478 10.68 -15.15 4.01
C ASP A 478 11.18 -15.37 5.43
N TYR A 479 11.04 -14.35 6.28
CA TYR A 479 11.41 -14.55 7.68
C TYR A 479 10.65 -15.73 8.28
N ARG A 480 9.38 -15.87 7.92
CA ARG A 480 8.58 -16.97 8.42
C ARG A 480 9.25 -18.31 8.17
N GLN A 481 9.87 -18.48 6.98
CA GLN A 481 10.53 -19.74 6.65
C GLN A 481 11.85 -19.89 7.41
N ILE A 482 12.58 -18.78 7.62
CA ILE A 482 13.77 -18.85 8.47
C ILE A 482 13.41 -19.36 9.86
N ALA A 483 12.38 -18.77 10.46
CA ALA A 483 12.00 -19.15 11.81
C ALA A 483 11.47 -20.57 11.86
N GLY A 484 10.73 -20.99 10.83
CA GLY A 484 10.12 -22.31 10.82
C GLY A 484 11.00 -23.46 10.34
N GLN A 485 12.09 -23.16 9.63
CA GLN A 485 12.81 -24.23 8.93
C GLN A 485 14.31 -24.19 9.17
N PHE A 486 14.88 -23.00 9.37
CA PHE A 486 16.33 -22.84 9.38
C PHE A 486 16.84 -22.44 10.76
N MET A 487 16.04 -22.67 11.79
CA MET A 487 16.41 -22.42 13.18
C MET A 487 16.37 -23.73 13.94
N SER A 488 16.81 -24.80 13.28
CA SER A 488 16.88 -26.12 13.89
C SER A 488 17.77 -26.99 13.02
N GLY A 489 17.96 -28.24 13.42
CA GLY A 489 18.78 -29.15 12.63
C GLY A 489 20.24 -28.76 12.64
N GLU A 490 20.85 -28.73 11.45
CA GLU A 490 22.26 -28.45 11.28
C GLU A 490 22.58 -26.95 11.30
N TRP A 491 21.57 -26.09 11.17
CA TRP A 491 21.78 -24.65 11.07
C TRP A 491 22.35 -24.08 12.36
N GLN A 492 23.53 -23.49 12.27
CA GLN A 492 24.02 -22.66 13.36
C GLN A 492 23.22 -21.36 13.42
N TYR A 493 23.14 -20.77 14.59
CA TYR A 493 22.52 -19.45 14.78
C TYR A 493 23.49 -18.58 15.54
N THR A 494 23.69 -17.37 15.04
CA THR A 494 24.60 -16.43 15.69
C THR A 494 23.94 -15.07 15.67
N TYR A 495 23.93 -14.39 16.80
CA TYR A 495 23.58 -12.98 16.85
C TYR A 495 24.87 -12.20 17.05
N ASP A 496 25.26 -11.46 16.01
CA ASP A 496 26.40 -10.54 16.06
C ASP A 496 25.99 -9.31 16.86
N ALA A 497 26.50 -9.20 18.09
CA ALA A 497 26.11 -8.11 18.96
C ALA A 497 26.76 -6.78 18.57
N THR A 498 27.87 -6.84 17.83
CA THR A 498 28.51 -5.59 17.40
C THR A 498 27.76 -4.95 16.24
N ALA A 499 27.44 -5.75 15.21
CA ALA A 499 26.63 -5.28 14.09
C ALA A 499 25.16 -5.15 14.44
N GLU A 500 24.68 -5.87 15.47
CA GLU A 500 23.26 -6.07 15.74
C GLU A 500 22.57 -6.73 14.54
N ALA A 501 22.93 -8.00 14.32
CA ALA A 501 22.46 -8.71 13.15
C ALA A 501 22.56 -10.22 13.36
N PRO A 502 21.47 -10.97 13.16
CA PRO A 502 21.55 -12.43 13.26
C PRO A 502 21.85 -13.07 11.92
N TYR A 503 22.36 -14.29 11.98
CA TYR A 503 22.52 -15.06 10.75
C TYR A 503 22.55 -16.55 11.07
N VAL A 504 22.08 -17.34 10.12
CA VAL A 504 22.06 -18.80 10.26
C VAL A 504 22.98 -19.39 9.19
N PHE A 505 23.69 -20.45 9.54
CA PHE A 505 24.69 -21.03 8.66
C PHE A 505 24.60 -22.55 8.71
N LYS A 506 24.50 -23.18 7.53
CA LYS A 506 24.51 -24.63 7.40
C LYS A 506 25.86 -25.05 6.83
N PRO A 507 26.81 -25.51 7.65
CA PRO A 507 28.17 -25.73 7.14
C PRO A 507 28.28 -26.82 6.10
N SER A 508 27.46 -27.87 6.17
CA SER A 508 27.58 -28.96 5.21
C SER A 508 27.40 -28.49 3.78
N THR A 509 26.57 -27.47 3.55
CA THR A 509 26.30 -26.98 2.20
C THR A 509 26.76 -25.56 1.98
N GLY A 510 27.29 -24.89 3.00
CA GLY A 510 27.70 -23.52 2.82
C GLY A 510 26.56 -22.55 2.66
N ASP A 511 25.37 -22.90 3.13
CA ASP A 511 24.22 -22.00 3.07
C ASP A 511 24.31 -20.97 4.19
N LEU A 512 24.22 -19.70 3.84
CA LEU A 512 24.35 -18.59 4.77
C LEU A 512 23.23 -17.59 4.52
N ILE A 513 22.50 -17.20 5.56
CA ILE A 513 21.35 -16.30 5.45
C ILE A 513 21.49 -15.16 6.45
N THR A 514 21.38 -13.92 5.97
CA THR A 514 21.42 -12.73 6.81
C THR A 514 20.04 -12.06 6.82
N PHE A 515 19.56 -11.70 8.01
CA PHE A 515 18.19 -11.27 8.17
C PHE A 515 18.07 -10.40 9.40
N ASP A 516 16.84 -9.97 9.68
CA ASP A 516 16.50 -9.26 10.90
C ASP A 516 15.71 -10.21 11.80
N ASP A 517 15.99 -10.17 13.10
CA ASP A 517 15.12 -10.89 14.01
C ASP A 517 14.63 -9.96 15.11
N ALA A 518 13.95 -10.52 16.11
CA ALA A 518 13.34 -9.69 17.13
C ALA A 518 14.38 -8.83 17.84
N ARG A 519 15.57 -9.39 18.08
CA ARG A 519 16.61 -8.64 18.78
C ARG A 519 17.21 -7.54 17.91
N SER A 520 17.52 -7.83 16.64
CA SER A 520 18.08 -6.76 15.81
C SER A 520 17.05 -5.66 15.57
N VAL A 521 15.77 -6.03 15.44
CA VAL A 521 14.73 -5.01 15.33
C VAL A 521 14.66 -4.20 16.62
N GLN A 522 14.82 -4.85 17.77
CA GLN A 522 14.84 -4.14 19.04
C GLN A 522 15.96 -3.11 19.08
N ALA A 523 17.16 -3.50 18.64
CA ALA A 523 18.25 -2.53 18.58
C ALA A 523 17.92 -1.37 17.65
N LYS A 524 17.26 -1.66 16.52
CA LYS A 524 16.85 -0.57 15.63
C LYS A 524 15.83 0.35 16.29
N GLY A 525 14.85 -0.22 17.00
CA GLY A 525 13.86 0.62 17.67
C GLY A 525 14.47 1.48 18.74
N LYS A 526 15.31 0.88 19.60
CA LYS A 526 16.03 1.65 20.61
C LYS A 526 16.88 2.74 19.96
N TYR A 527 17.54 2.42 18.84
CA TYR A 527 18.31 3.42 18.13
C TYR A 527 17.43 4.57 17.63
N VAL A 528 16.25 4.26 17.10
CA VAL A 528 15.33 5.30 16.65
C VAL A 528 14.97 6.21 17.82
N LEU A 529 14.67 5.63 18.98
CA LEU A 529 14.27 6.43 20.14
C LEU A 529 15.43 7.28 20.67
N ASP A 530 16.64 6.73 20.64
CA ASP A 530 17.79 7.48 21.15
C ASP A 530 18.14 8.66 20.25
N LYS A 531 18.16 8.43 18.94
CA LYS A 531 18.52 9.48 18.00
C LYS A 531 17.33 10.32 17.58
N GLN A 532 16.14 10.04 18.12
CA GLN A 532 14.92 10.80 17.82
C GLN A 532 14.56 10.76 16.34
N LEU A 533 14.70 9.58 15.73
CA LEU A 533 14.27 9.38 14.36
C LEU A 533 12.76 9.15 14.33
N GLY A 534 12.22 8.89 13.13
CA GLY A 534 10.78 8.96 12.95
C GLY A 534 10.02 7.69 13.32
N GLY A 535 10.66 6.53 13.21
CA GLY A 535 10.02 5.27 13.50
C GLY A 535 10.65 4.15 12.70
N LEU A 536 9.88 3.07 12.51
CA LEU A 536 10.33 1.91 11.74
C LEU A 536 9.30 1.58 10.67
N PHE A 537 9.80 1.08 9.54
CA PHE A 537 8.93 0.50 8.51
C PHE A 537 9.58 -0.79 8.05
N SER A 538 8.82 -1.61 7.33
CA SER A 538 9.30 -2.95 7.00
C SER A 538 8.87 -3.35 5.60
N TRP A 539 9.65 -4.23 5.00
CA TRP A 539 9.34 -4.90 3.74
C TRP A 539 9.55 -6.39 3.95
N GLU A 540 8.53 -7.20 3.65
CA GLU A 540 7.16 -6.96 3.22
C GLU A 540 6.23 -7.75 4.16
N ILE A 541 5.01 -7.24 4.39
CA ILE A 541 4.20 -7.68 5.53
C ILE A 541 3.82 -9.16 5.45
N ASP A 542 3.71 -9.70 4.23
CA ASP A 542 3.31 -11.10 4.08
C ASP A 542 4.36 -12.07 4.59
N ALA A 543 5.63 -11.67 4.66
CA ALA A 543 6.69 -12.62 4.99
C ALA A 543 6.92 -12.75 6.49
N ASP A 544 6.29 -11.90 7.32
CA ASP A 544 6.46 -11.96 8.76
C ASP A 544 5.54 -13.02 9.36
N ASN A 545 5.97 -13.62 10.47
CA ASN A 545 5.08 -14.47 11.24
C ASN A 545 4.54 -13.76 12.47
N GLY A 546 4.90 -12.48 12.67
CA GLY A 546 4.50 -11.69 13.81
C GLY A 546 5.68 -11.21 14.64
N ASP A 547 6.76 -12.00 14.69
CA ASP A 547 7.93 -11.66 15.49
C ASP A 547 8.47 -10.28 15.15
N ILE A 548 8.60 -9.97 13.86
CA ILE A 548 9.25 -8.73 13.45
C ILE A 548 8.37 -7.53 13.78
N LEU A 549 7.09 -7.58 13.39
CA LEU A 549 6.21 -6.45 13.67
C LEU A 549 5.98 -6.29 15.17
N ASN A 550 5.87 -7.41 15.91
CA ASN A 550 5.76 -7.34 17.37
C ASN A 550 6.93 -6.55 17.96
N SER A 551 8.15 -6.87 17.50
CA SER A 551 9.33 -6.21 18.04
C SER A 551 9.39 -4.75 17.61
N MET A 552 8.96 -4.44 16.38
CA MET A 552 8.91 -3.05 15.93
C MET A 552 8.04 -2.21 16.88
N ASN A 553 6.85 -2.73 17.21
CA ASN A 553 5.96 -2.02 18.12
C ASN A 553 6.54 -1.91 19.52
N ALA A 554 7.02 -3.03 20.07
CA ALA A 554 7.51 -3.03 21.45
C ALA A 554 8.72 -2.13 21.61
N SER A 555 9.70 -2.25 20.70
CA SER A 555 10.94 -1.49 20.83
C SER A 555 10.75 0.01 20.63
N LEU A 556 9.68 0.43 19.98
CA LEU A 556 9.41 1.85 19.86
C LEU A 556 8.56 2.36 21.03
N GLY A 557 8.29 1.51 22.01
CA GLY A 557 7.56 1.96 23.18
C GLY A 557 6.06 1.95 23.05
N ASN A 558 5.51 1.25 22.06
CA ASN A 558 4.07 1.07 21.99
C ASN A 558 3.61 0.14 23.11
N SER A 559 2.51 0.51 23.76
CA SER A 559 1.95 -0.31 24.84
C SER A 559 1.25 -1.53 24.29
N ALA A 560 1.38 -2.64 25.00
CA ALA A 560 0.60 -3.81 24.70
C ALA A 560 -0.89 -3.54 24.92
N GLY A 561 -1.72 -4.27 24.21
CA GLY A 561 -3.16 -4.19 24.38
C GLY A 561 -3.85 -3.65 23.15
N VAL A 562 -5.15 -3.37 23.31
CA VAL A 562 -5.95 -2.89 22.19
C VAL A 562 -6.78 -1.67 22.57
C1 NAG B . 23.26 -3.36 -4.14
C2 NAG B . 22.36 -2.38 -3.50
C3 NAG B . 21.01 -2.98 -3.33
C4 NAG B . 20.49 -3.47 -4.67
C5 NAG B . 21.56 -4.27 -5.39
C6 NAG B . 21.29 -4.36 -6.85
C7 NAG B . 22.79 -0.74 -1.81
C8 NAG B . 22.18 -0.60 -0.45
N2 NAG B . 22.96 -1.95 -2.27
O1 NAG B . 24.41 -2.63 -4.36
O3 NAG B . 20.20 -1.97 -2.81
O4 NAG B . 19.37 -4.32 -4.55
O5 NAG B . 22.78 -3.63 -5.39
O6 NAG B . 21.20 -5.72 -7.03
O7 NAG B . 23.08 0.21 -2.45
C1 NAG B . 18.15 -3.65 -4.75
C2 NAG B . 17.07 -4.65 -5.08
C3 NAG B . 15.69 -4.02 -5.01
C4 NAG B . 15.55 -3.28 -3.73
C5 NAG B . 16.62 -2.26 -3.69
C6 NAG B . 16.41 -1.46 -2.44
C7 NAG B . 17.64 -6.51 -6.42
C8 NAG B . 17.96 -7.07 -7.76
N2 NAG B . 17.30 -5.25 -6.35
O3 NAG B . 14.70 -5.01 -5.09
O4 NAG B . 14.35 -2.58 -3.66
O5 NAG B . 17.81 -2.95 -3.59
O6 NAG B . 17.50 -0.59 -2.24
O7 NAG B . 17.69 -7.18 -5.45
C1 GOL C . 14.05 -7.16 -2.47
O1 GOL C . 14.03 -6.01 -1.65
C2 GOL C . 12.62 -7.79 -2.45
O2 GOL C . 12.33 -8.48 -3.63
C3 GOL C . 12.58 -8.71 -1.20
O3 GOL C . 11.36 -9.42 -1.21
C1 GOL D . 19.01 -13.65 21.62
O1 GOL D . 20.22 -13.04 21.28
C2 GOL D . 18.46 -14.31 20.34
O2 GOL D . 18.22 -13.38 19.33
C3 GOL D . 17.18 -15.05 20.78
O3 GOL D . 17.59 -16.29 21.25
#